data_8C6S
#
_entry.id   8C6S
#
_cell.length_a   45.390
_cell.length_b   73.420
_cell.length_c   53.200
_cell.angle_alpha   90.000
_cell.angle_beta   110.020
_cell.angle_gamma   90.000
#
_symmetry.space_group_name_H-M   'P 1 21 1'
#
loop_
_entity.id
_entity.type
_entity.pdbx_description
1 polymer Endothiapepsin
2 non-polymer GLYCEROL
3 non-polymer 4-(1,4-diazepan-1-ylsulfonyl)isoquinoline
4 water water
#
_entity_poly.entity_id   1
_entity_poly.type   'polypeptide(L)'
_entity_poly.pdbx_seq_one_letter_code
;MSSPLKNALVTAMLAGGALSSPTKQHVGIPVNASPEVGPGKYSFKQVRNPNYKFNGPLSVKKTYLKYGVPIPAWLEDAVQ
NSTSGLAERSTGSATTTPIDSLDDAYITPVQIGTPAQTLNLDFDTGSSDLWVFSSETTASEVDGQTIYTPSKSTTAKLLS
GATWSISYGDGSSSSGDVYTDTVSVGGLTVTGQAVESAKKVSSSFTEDSTIDGLLGLAFSTLNTVSPTQQKTFFDNAKAS
LDSPVFTADLGYHAPGTYNFGFIDTTAYTGSITYTAVSTKQGFWEWTSTGYAVGSGTFKSTSIDGIADTGTTLLYLPATV
VSAYWAQVSGAKSSSSVGGYVFPCSATLPSFTFGVGSARIVIPGDYIDFGPISTGSSSCFGGIQSSAGIGINIFGDVALK
AAFVVFNGATTPTLGFASK
;
_entity_poly.pdbx_strand_id   A
#
loop_
_chem_comp.id
_chem_comp.type
_chem_comp.name
_chem_comp.formula
GOL non-polymer GLYCEROL 'C3 H8 O3'
TUU non-polymer 4-(1,4-diazepan-1-ylsulfonyl)isoquinoline 'C14 H17 N3 O2 S'
#
# COMPACT_ATOMS: atom_id res chain seq x y z
N SER A 90 -7.38 2.96 -22.80
CA SER A 90 -6.19 3.66 -22.32
C SER A 90 -5.46 2.80 -21.31
N THR A 91 -4.20 3.18 -21.06
CA THR A 91 -3.39 2.57 -20.02
C THR A 91 -2.51 3.64 -19.38
N GLY A 92 -1.96 3.31 -18.22
CA GLY A 92 -0.91 4.12 -17.61
C GLY A 92 0.13 3.22 -16.99
N SER A 93 1.34 3.76 -16.82
CA SER A 93 2.43 3.00 -16.21
C SER A 93 3.35 3.98 -15.52
N ALA A 94 3.58 3.81 -14.21
CA ALA A 94 4.42 4.73 -13.46
C ALA A 94 5.36 3.93 -12.56
N THR A 95 6.58 4.45 -12.40
CA THR A 95 7.54 3.83 -11.51
C THR A 95 7.23 4.23 -10.07
N THR A 96 7.35 3.25 -9.17
CA THR A 96 7.20 3.48 -7.74
C THR A 96 8.55 3.21 -7.07
N THR A 97 8.93 4.07 -6.13
CA THR A 97 10.27 4.07 -5.58
C THR A 97 10.20 4.01 -4.06
N PRO A 98 11.02 3.18 -3.41
CA PRO A 98 11.04 3.19 -1.95
C PRO A 98 11.51 4.55 -1.44
N ILE A 99 10.93 5.00 -0.33
CA ILE A 99 11.28 6.31 0.20
C ILE A 99 12.60 6.31 0.96
N ASP A 100 13.11 5.15 1.34
CA ASP A 100 14.31 5.06 2.14
C ASP A 100 14.91 3.67 1.93
N SER A 101 16.03 3.41 2.62
CA SER A 101 16.82 2.20 2.41
C SER A 101 16.16 0.96 2.97
N LEU A 102 15.08 1.11 3.74
CA LEU A 102 14.37 0.01 4.35
C LEU A 102 13.06 -0.29 3.66
N ASP A 103 12.73 0.40 2.57
CA ASP A 103 11.44 0.19 1.91
C ASP A 103 10.28 0.49 2.87
N ASP A 104 10.40 1.56 3.65
CA ASP A 104 9.37 1.86 4.64
C ASP A 104 8.05 2.28 4.01
N ALA A 105 8.08 2.76 2.76
CA ALA A 105 6.90 3.09 1.98
C ALA A 105 7.42 3.34 0.57
N TYR A 106 6.48 3.53 -0.35
CA TYR A 106 6.78 3.72 -1.76
C TYR A 106 6.06 4.96 -2.26
N ILE A 107 6.73 5.74 -3.10
CA ILE A 107 6.17 6.93 -3.72
C ILE A 107 6.13 6.82 -5.23
N THR A 108 5.08 7.39 -5.81
CA THR A 108 4.83 7.35 -7.24
C THR A 108 4.48 8.77 -7.69
N PRO A 109 5.09 9.29 -8.75
CA PRO A 109 4.78 10.65 -9.17
C PRO A 109 3.41 10.73 -9.82
N VAL A 110 2.68 11.79 -9.48
CA VAL A 110 1.33 12.03 -9.97
C VAL A 110 1.22 13.49 -10.42
N GLN A 111 0.69 13.70 -11.61
CA GLN A 111 0.48 15.05 -12.13
C GLN A 111 -0.92 15.53 -11.78
N ILE A 112 -1.00 16.70 -11.14
CA ILE A 112 -2.28 17.26 -10.73
C ILE A 112 -2.39 18.68 -11.31
N GLY A 113 -3.50 18.96 -11.98
CA GLY A 113 -3.78 20.32 -12.39
C GLY A 113 -3.18 20.72 -13.72
N THR A 114 -3.43 21.98 -14.06
CA THR A 114 -3.01 22.58 -15.32
C THR A 114 -2.46 23.98 -15.08
N PRO A 115 -1.18 24.23 -15.38
CA PRO A 115 -0.15 23.25 -15.76
C PRO A 115 0.04 22.22 -14.66
N ALA A 116 0.64 21.10 -15.01
CA ALA A 116 0.79 20.02 -14.06
C ALA A 116 1.62 20.47 -12.85
N GLN A 117 1.19 20.01 -11.68
CA GLN A 117 1.95 20.05 -10.45
C GLN A 117 2.22 18.61 -10.10
N THR A 118 3.48 18.21 -10.10
CA THR A 118 3.82 16.81 -9.82
C THR A 118 4.09 16.63 -8.35
N LEU A 119 3.34 15.73 -7.72
CA LEU A 119 3.49 15.37 -6.32
C LEU A 119 3.80 13.89 -6.25
N ASN A 120 4.58 13.50 -5.24
CA ASN A 120 4.94 12.10 -5.04
C ASN A 120 4.01 11.50 -4.00
N LEU A 121 3.10 10.64 -4.45
CA LEU A 121 2.05 10.13 -3.59
C LEU A 121 2.30 8.68 -3.22
N ASP A 122 1.79 8.30 -2.06
CA ASP A 122 1.84 6.93 -1.56
C ASP A 122 0.57 6.22 -2.04
N PHE A 123 0.71 5.33 -3.02
CA PHE A 123 -0.43 4.58 -3.55
C PHE A 123 -0.84 3.53 -2.52
N ASP A 124 -2.10 3.59 -2.11
CA ASP A 124 -2.56 2.88 -0.91
C ASP A 124 -3.80 2.06 -1.24
N THR A 125 -3.63 0.76 -1.48
CA THR A 125 -4.77 -0.10 -1.77
C THR A 125 -5.61 -0.41 -0.54
N GLY A 126 -5.25 0.13 0.63
CA GLY A 126 -6.04 0.04 1.83
C GLY A 126 -6.85 1.25 2.20
N SER A 127 -6.91 2.28 1.36
CA SER A 127 -7.76 3.43 1.63
C SER A 127 -8.26 3.99 0.30
N SER A 128 -9.14 5.00 0.38
CA SER A 128 -9.90 5.39 -0.81
C SER A 128 -9.98 6.90 -0.99
N ASP A 129 -9.04 7.65 -0.42
CA ASP A 129 -8.96 9.08 -0.57
C ASP A 129 -7.67 9.44 -1.29
N LEU A 130 -7.76 10.39 -2.21
CA LEU A 130 -6.59 11.00 -2.85
C LEU A 130 -6.43 12.34 -2.16
N TRP A 131 -5.49 12.43 -1.23
CA TRP A 131 -5.31 13.67 -0.49
C TRP A 131 -3.87 14.13 -0.63
N VAL A 132 -3.68 15.45 -0.57
CA VAL A 132 -2.38 16.06 -0.82
C VAL A 132 -2.08 17.17 0.18
N PHE A 133 -0.80 17.29 0.50
CA PHE A 133 -0.30 18.54 1.07
C PHE A 133 -0.60 19.67 0.09
N SER A 134 -0.90 20.85 0.64
CA SER A 134 -1.40 21.90 -0.22
CA SER A 134 -1.46 21.91 -0.18
C SER A 134 -1.00 23.27 0.33
N SER A 135 -1.27 24.28 -0.49
CA SER A 135 -1.10 25.67 -0.08
C SER A 135 -2.00 26.02 1.10
N GLU A 136 -3.02 25.19 1.38
CA GLU A 136 -3.94 25.38 2.49
C GLU A 136 -3.50 24.68 3.75
N THR A 137 -2.45 23.85 3.70
CA THR A 137 -2.05 23.11 4.87
C THR A 137 -1.41 24.04 5.87
N THR A 138 -1.82 23.93 7.14
CA THR A 138 -1.25 24.73 8.22
C THR A 138 0.27 24.73 8.11
N ALA A 139 0.85 25.94 8.08
CA ALA A 139 2.25 26.08 7.69
C ALA A 139 3.18 25.27 8.60
N SER A 140 2.90 25.25 9.91
CA SER A 140 3.75 24.52 10.83
C SER A 140 3.69 23.01 10.62
N GLU A 141 2.72 22.52 9.85
CA GLU A 141 2.55 21.11 9.57
C GLU A 141 3.14 20.70 8.24
N VAL A 142 3.78 21.61 7.53
CA VAL A 142 4.50 21.33 6.29
C VAL A 142 5.99 21.43 6.59
N ASP A 143 6.74 20.39 6.23
CA ASP A 143 8.19 20.34 6.46
C ASP A 143 8.87 19.61 5.29
N GLY A 144 8.96 20.26 4.15
CA GLY A 144 9.70 19.74 3.02
C GLY A 144 8.87 19.09 1.94
N GLN A 145 7.59 18.82 2.19
CA GLN A 145 6.73 18.24 1.18
C GLN A 145 6.50 19.20 0.03
N THR A 146 6.26 18.64 -1.15
CA THR A 146 5.76 19.42 -2.26
C THR A 146 4.26 19.60 -2.11
N ILE A 147 3.78 20.82 -2.33
CA ILE A 147 2.37 21.15 -2.13
C ILE A 147 1.65 21.36 -3.46
N TYR A 148 0.36 21.03 -3.44
CA TYR A 148 -0.58 21.39 -4.49
C TYR A 148 -1.15 22.76 -4.18
N THR A 149 -1.13 23.65 -5.17
CA THR A 149 -1.69 24.98 -5.02
C THR A 149 -2.85 25.08 -6.01
N PRO A 150 -4.09 24.87 -5.57
CA PRO A 150 -5.20 24.86 -6.53
C PRO A 150 -5.39 26.17 -7.24
N SER A 151 -5.08 27.30 -6.59
CA SER A 151 -5.28 28.58 -7.24
C SER A 151 -4.41 28.75 -8.49
N LYS A 152 -3.35 27.95 -8.62
CA LYS A 152 -2.49 28.01 -9.78
C LYS A 152 -2.88 27.01 -10.86
N SER A 153 -3.94 26.23 -10.63
CA SER A 153 -4.40 25.26 -11.61
C SER A 153 -5.65 25.80 -12.28
N THR A 154 -5.59 26.00 -13.60
CA THR A 154 -6.73 26.56 -14.31
C THR A 154 -7.89 25.58 -14.43
N THR A 155 -7.67 24.30 -14.15
CA THR A 155 -8.72 23.30 -14.19
C THR A 155 -9.26 22.94 -12.81
N ALA A 156 -8.71 23.51 -11.73
CA ALA A 156 -9.21 23.19 -10.41
C ALA A 156 -10.52 23.92 -10.16
N LYS A 157 -11.44 23.20 -9.51
CA LYS A 157 -12.71 23.77 -9.08
C LYS A 157 -13.00 23.34 -7.65
N LEU A 158 -13.28 24.30 -6.78
CA LEU A 158 -13.64 23.94 -5.42
C LEU A 158 -14.96 23.16 -5.44
N LEU A 159 -14.99 22.03 -4.76
CA LEU A 159 -16.22 21.24 -4.64
C LEU A 159 -17.01 21.81 -3.48
N SER A 160 -18.09 22.52 -3.80
CA SER A 160 -18.76 23.35 -2.81
C SER A 160 -19.29 22.53 -1.65
N GLY A 161 -18.93 22.94 -0.43
CA GLY A 161 -19.42 22.32 0.78
C GLY A 161 -18.76 21.01 1.16
N ALA A 162 -17.80 20.52 0.37
CA ALA A 162 -17.24 19.20 0.59
C ALA A 162 -16.03 19.28 1.52
N THR A 163 -15.99 18.40 2.51
CA THR A 163 -14.84 18.26 3.38
C THR A 163 -14.49 16.79 3.50
N TRP A 164 -13.32 16.53 4.04
CA TRP A 164 -12.87 15.16 4.25
C TRP A 164 -12.06 15.11 5.54
N SER A 165 -12.01 13.91 6.12
CA SER A 165 -11.27 13.69 7.35
C SER A 165 -11.02 12.21 7.46
N ILE A 166 -9.76 11.85 7.63
CA ILE A 166 -9.41 10.44 7.64
C ILE A 166 -8.59 10.16 8.88
N SER A 167 -8.85 9.00 9.47
CA SER A 167 -8.10 8.53 10.62
C SER A 167 -7.62 7.13 10.27
N TYR A 168 -6.30 6.98 10.13
CA TYR A 168 -5.73 5.69 9.75
C TYR A 168 -5.50 4.83 10.98
N GLY A 169 -5.31 3.53 10.73
CA GLY A 169 -5.25 2.55 11.81
C GLY A 169 -4.05 2.68 12.73
N ASP A 170 -3.03 3.44 12.32
CA ASP A 170 -1.87 3.69 13.15
C ASP A 170 -2.02 4.96 14.00
N GLY A 171 -3.19 5.59 13.98
CA GLY A 171 -3.41 6.80 14.73
C GLY A 171 -3.12 8.08 13.98
N SER A 172 -2.61 8.02 12.76
CA SER A 172 -2.34 9.21 11.99
C SER A 172 -3.62 9.68 11.32
N SER A 173 -3.61 10.93 10.84
CA SER A 173 -4.83 11.54 10.35
C SER A 173 -4.52 12.74 9.47
N SER A 174 -5.54 13.17 8.73
CA SER A 174 -5.48 14.40 7.96
C SER A 174 -6.92 14.82 7.61
N SER A 175 -7.12 16.08 7.24
CA SER A 175 -8.45 16.59 6.90
C SER A 175 -8.34 17.88 6.08
N GLY A 176 -9.43 18.22 5.40
CA GLY A 176 -9.43 19.47 4.66
C GLY A 176 -10.65 19.63 3.78
N ASP A 177 -10.45 20.35 2.66
CA ASP A 177 -11.50 20.63 1.68
C ASP A 177 -11.18 19.87 0.39
N VAL A 178 -11.97 20.10 -0.65
CA VAL A 178 -11.94 19.24 -1.84
C VAL A 178 -12.02 20.09 -3.09
N TYR A 179 -11.16 19.79 -4.05
CA TYR A 179 -11.22 20.35 -5.39
C TYR A 179 -11.46 19.19 -6.35
N THR A 180 -12.04 19.48 -7.50
CA THR A 180 -11.90 18.56 -8.62
C THR A 180 -10.84 19.13 -9.55
N ASP A 181 -10.05 18.24 -10.15
CA ASP A 181 -9.00 18.67 -11.05
C ASP A 181 -8.59 17.48 -11.91
N THR A 182 -7.74 17.77 -12.89
CA THR A 182 -7.19 16.73 -13.76
CA THR A 182 -7.21 16.72 -13.76
C THR A 182 -6.02 16.06 -13.07
N VAL A 183 -6.03 14.73 -13.06
CA VAL A 183 -4.99 13.95 -12.41
C VAL A 183 -4.49 12.92 -13.40
N SER A 184 -3.16 12.83 -13.56
CA SER A 184 -2.58 11.85 -14.47
C SER A 184 -1.54 11.02 -13.74
N VAL A 185 -1.54 9.73 -14.04
CA VAL A 185 -0.57 8.78 -13.50
C VAL A 185 0.03 8.04 -14.67
N GLY A 186 1.33 8.22 -14.89
CA GLY A 186 2.00 7.38 -15.86
C GLY A 186 1.38 7.45 -17.23
N GLY A 187 0.83 8.62 -17.61
CA GLY A 187 0.21 8.80 -18.91
C GLY A 187 -1.29 8.57 -18.97
N LEU A 188 -1.91 8.07 -17.90
CA LEU A 188 -3.36 7.88 -17.82
C LEU A 188 -3.97 9.09 -17.14
N THR A 189 -4.95 9.73 -17.79
CA THR A 189 -5.52 10.98 -17.29
C THR A 189 -6.98 10.82 -16.92
N VAL A 190 -7.33 11.32 -15.74
CA VAL A 190 -8.72 11.42 -15.29
C VAL A 190 -9.04 12.90 -15.13
N THR A 191 -10.11 13.36 -15.76
CA THR A 191 -10.60 14.71 -15.50
C THR A 191 -11.65 14.65 -14.40
N GLY A 192 -11.77 15.73 -13.65
CA GLY A 192 -12.77 15.75 -12.61
C GLY A 192 -12.49 14.89 -11.39
N GLN A 193 -11.24 14.50 -11.17
CA GLN A 193 -10.91 13.70 -10.01
C GLN A 193 -11.00 14.56 -8.75
N ALA A 194 -11.60 14.00 -7.68
CA ALA A 194 -11.58 14.67 -6.39
C ALA A 194 -10.17 14.63 -5.82
N VAL A 195 -9.63 15.81 -5.56
CA VAL A 195 -8.32 16.02 -4.97
C VAL A 195 -8.58 16.66 -3.61
N GLU A 196 -8.28 15.92 -2.55
CA GLU A 196 -8.60 16.33 -1.20
C GLU A 196 -7.41 17.11 -0.64
N SER A 197 -7.58 18.41 -0.52
CA SER A 197 -6.52 19.30 -0.12
C SER A 197 -6.47 19.37 1.40
N ALA A 198 -5.31 19.06 1.97
CA ALA A 198 -5.20 19.04 3.43
C ALA A 198 -5.12 20.46 4.00
N LYS A 199 -5.97 20.72 4.98
CA LYS A 199 -5.77 21.86 5.88
C LYS A 199 -4.99 21.46 7.12
N LYS A 200 -5.11 20.20 7.55
CA LYS A 200 -4.43 19.67 8.73
C LYS A 200 -3.92 18.29 8.38
N VAL A 201 -2.71 17.99 8.87
CA VAL A 201 -2.15 16.65 8.81
C VAL A 201 -1.56 16.32 10.17
N SER A 202 -1.53 15.05 10.52
CA SER A 202 -0.94 14.70 11.81
C SER A 202 0.59 14.66 11.72
N SER A 203 1.22 14.60 12.90
CA SER A 203 2.64 14.85 13.00
C SER A 203 3.45 13.84 12.19
N SER A 204 3.01 12.59 12.13
CA SER A 204 3.84 11.63 11.41
C SER A 204 3.85 11.87 9.91
N PHE A 205 2.82 12.50 9.34
CA PHE A 205 2.91 12.94 7.96
C PHE A 205 3.86 14.12 7.82
N THR A 206 3.74 15.11 8.71
CA THR A 206 4.64 16.25 8.66
C THR A 206 6.08 15.80 8.69
N GLU A 207 6.37 14.80 9.52
CA GLU A 207 7.74 14.35 9.75
C GLU A 207 8.30 13.51 8.62
N ASP A 208 7.50 13.17 7.62
CA ASP A 208 8.01 12.45 6.46
C ASP A 208 7.97 13.38 5.25
N SER A 209 9.09 14.01 4.96
CA SER A 209 9.14 14.96 3.87
C SER A 209 9.06 14.31 2.50
N THR A 210 9.16 12.98 2.41
CA THR A 210 9.18 12.30 1.12
CA THR A 210 9.18 12.32 1.10
C THR A 210 7.80 12.01 0.54
N ILE A 211 6.76 12.11 1.36
CA ILE A 211 5.41 11.74 0.95
C ILE A 211 4.54 12.99 0.89
N ASP A 212 4.04 13.31 -0.30
CA ASP A 212 3.27 14.52 -0.54
C ASP A 212 1.76 14.29 -0.40
N GLY A 213 1.36 13.07 -0.10
CA GLY A 213 -0.04 12.71 0.04
C GLY A 213 -0.22 11.25 -0.30
N LEU A 214 -1.48 10.83 -0.29
CA LEU A 214 -1.85 9.45 -0.57
C LEU A 214 -2.78 9.40 -1.77
N LEU A 215 -2.69 8.30 -2.52
CA LEU A 215 -3.64 8.02 -3.60
C LEU A 215 -4.30 6.69 -3.28
N GLY A 216 -5.55 6.74 -2.83
CA GLY A 216 -6.24 5.55 -2.39
C GLY A 216 -6.74 4.72 -3.56
N LEU A 217 -6.60 3.41 -3.40
CA LEU A 217 -6.94 2.42 -4.41
C LEU A 217 -7.80 1.29 -3.87
N ALA A 218 -8.34 1.43 -2.66
CA ALA A 218 -9.38 0.55 -2.15
C ALA A 218 -10.72 0.95 -2.79
N PHE A 219 -11.82 0.39 -2.30
CA PHE A 219 -13.10 0.61 -2.95
C PHE A 219 -13.69 1.95 -2.52
N SER A 220 -14.40 2.59 -3.46
CA SER A 220 -14.86 3.96 -3.20
C SER A 220 -15.84 4.07 -2.04
N THR A 221 -16.43 2.95 -1.59
CA THR A 221 -17.28 2.99 -0.40
C THR A 221 -16.54 3.51 0.84
N LEU A 222 -15.22 3.44 0.87
CA LEU A 222 -14.45 3.95 2.01
C LEU A 222 -14.09 5.43 1.88
N ASN A 223 -14.41 6.09 0.77
CA ASN A 223 -13.98 7.46 0.62
C ASN A 223 -14.65 8.33 1.69
N THR A 224 -13.89 9.26 2.27
CA THR A 224 -14.39 10.02 3.42
C THR A 224 -15.04 11.36 3.07
N VAL A 225 -15.10 11.76 1.79
CA VAL A 225 -15.64 13.07 1.49
C VAL A 225 -17.11 13.14 1.89
N SER A 226 -17.49 14.25 2.53
CA SER A 226 -18.83 14.51 3.01
C SER A 226 -19.24 15.89 2.52
N PRO A 227 -20.52 16.09 2.17
CA PRO A 227 -21.64 15.16 2.30
C PRO A 227 -21.83 14.26 1.09
N THR A 228 -21.00 14.37 0.06
CA THR A 228 -21.12 13.57 -1.17
C THR A 228 -19.82 12.80 -1.35
N GLN A 229 -19.87 11.49 -1.12
CA GLN A 229 -18.71 10.63 -1.28
CA GLN A 229 -18.69 10.65 -1.27
C GLN A 229 -18.19 10.72 -2.71
N GLN A 230 -16.86 10.64 -2.86
CA GLN A 230 -16.19 10.76 -4.13
C GLN A 230 -15.52 9.45 -4.53
N LYS A 231 -15.25 9.32 -5.82
CA LYS A 231 -14.65 8.11 -6.40
C LYS A 231 -13.14 8.16 -6.42
N THR A 232 -12.53 6.97 -6.28
CA THR A 232 -11.10 6.88 -6.41
C THR A 232 -10.64 7.12 -7.85
N PHE A 233 -9.35 7.38 -7.99
CA PHE A 233 -8.74 7.53 -9.30
C PHE A 233 -9.00 6.31 -10.17
N PHE A 234 -8.84 5.10 -9.61
CA PHE A 234 -9.09 3.89 -10.38
C PHE A 234 -10.55 3.78 -10.79
N ASP A 235 -11.47 4.04 -9.87
CA ASP A 235 -12.87 3.95 -10.24
CA ASP A 235 -12.90 3.99 -10.19
C ASP A 235 -13.20 4.92 -11.36
N ASN A 236 -12.68 6.14 -11.31
CA ASN A 236 -12.93 7.10 -12.38
C ASN A 236 -12.30 6.67 -13.69
N ALA A 237 -11.12 6.04 -13.64
CA ALA A 237 -10.41 5.65 -14.86
C ALA A 237 -10.99 4.39 -15.50
N LYS A 238 -11.68 3.57 -14.72
CA LYS A 238 -11.86 2.15 -15.05
C LYS A 238 -12.48 1.93 -16.42
N ALA A 239 -13.54 2.67 -16.71
CA ALA A 239 -14.29 2.39 -17.93
C ALA A 239 -13.47 2.72 -19.16
N SER A 240 -12.50 3.63 -19.02
CA SER A 240 -11.66 4.02 -20.14
CA SER A 240 -11.66 4.03 -20.14
C SER A 240 -10.48 3.09 -20.34
N LEU A 241 -10.14 2.32 -19.32
CA LEU A 241 -8.99 1.45 -19.38
C LEU A 241 -9.22 0.31 -20.37
N ASP A 242 -8.13 -0.15 -20.98
CA ASP A 242 -8.24 -1.32 -21.86
C ASP A 242 -8.87 -2.51 -21.13
N SER A 243 -8.47 -2.74 -19.88
CA SER A 243 -9.04 -3.74 -19.00
CA SER A 243 -9.03 -3.74 -18.99
C SER A 243 -9.16 -3.08 -17.63
N PRO A 244 -10.21 -3.42 -16.86
CA PRO A 244 -10.47 -2.71 -15.58
C PRO A 244 -9.62 -3.27 -14.44
N VAL A 245 -8.31 -3.05 -14.56
CA VAL A 245 -7.32 -3.68 -13.70
CA VAL A 245 -7.34 -3.65 -13.65
C VAL A 245 -6.22 -2.65 -13.39
N PHE A 246 -5.55 -2.86 -12.26
CA PHE A 246 -4.25 -2.25 -12.04
C PHE A 246 -3.36 -3.30 -11.41
N THR A 247 -2.04 -3.12 -11.55
CA THR A 247 -1.09 -4.07 -11.00
C THR A 247 -0.06 -3.35 -10.16
N ALA A 248 0.37 -4.02 -9.09
CA ALA A 248 1.42 -3.54 -8.21
C ALA A 248 2.61 -4.48 -8.32
N ASP A 249 3.76 -3.90 -8.63
CA ASP A 249 5.02 -4.64 -8.74
C ASP A 249 6.04 -3.87 -7.93
N LEU A 250 6.00 -4.06 -6.61
CA LEU A 250 6.88 -3.30 -5.71
C LEU A 250 8.24 -3.96 -5.66
N GLY A 251 9.30 -3.15 -5.65
CA GLY A 251 10.65 -3.68 -5.58
C GLY A 251 11.15 -3.84 -4.15
N TYR A 252 12.09 -4.77 -3.99
CA TYR A 252 12.87 -4.89 -2.75
C TYR A 252 14.12 -4.08 -2.95
N HIS A 253 14.26 -2.99 -2.18
CA HIS A 253 15.43 -2.13 -2.29
C HIS A 253 15.66 -1.65 -3.71
N ALA A 254 14.59 -1.41 -4.45
CA ALA A 254 14.69 -1.11 -5.86
C ALA A 254 13.39 -0.51 -6.33
N PRO A 255 13.39 0.22 -7.43
CA PRO A 255 12.13 0.70 -8.00
C PRO A 255 11.27 -0.44 -8.53
N GLY A 256 10.01 -0.12 -8.73
CA GLY A 256 8.99 -1.03 -9.19
C GLY A 256 8.00 -0.27 -10.03
N THR A 257 6.82 -0.85 -10.26
CA THR A 257 5.88 -0.29 -11.22
C THR A 257 4.45 -0.48 -10.76
N TYR A 258 3.64 0.57 -10.96
CA TYR A 258 2.18 0.47 -10.97
C TYR A 258 1.70 0.64 -12.40
N ASN A 259 0.97 -0.35 -12.90
CA ASN A 259 0.36 -0.27 -14.22
C ASN A 259 -1.15 -0.21 -14.08
N PHE A 260 -1.79 0.52 -14.98
CA PHE A 260 -3.23 0.64 -15.04
C PHE A 260 -3.70 0.20 -16.42
N GLY A 261 -4.64 -0.73 -16.46
CA GLY A 261 -5.34 -1.08 -17.67
C GLY A 261 -4.77 -2.24 -18.44
N PHE A 262 -3.66 -2.84 -17.98
CA PHE A 262 -3.06 -3.96 -18.70
C PHE A 262 -2.19 -4.74 -17.73
N ILE A 263 -1.95 -5.99 -18.12
CA ILE A 263 -1.09 -6.91 -17.39
C ILE A 263 0.18 -7.12 -18.23
N ASP A 264 1.32 -6.72 -17.69
CA ASP A 264 2.60 -6.90 -18.35
C ASP A 264 3.05 -8.33 -18.13
N THR A 265 2.89 -9.17 -19.15
CA THR A 265 3.19 -10.59 -19.01
C THR A 265 4.68 -10.88 -18.94
N THR A 266 5.55 -9.87 -19.15
CA THR A 266 6.98 -10.04 -18.95
C THR A 266 7.41 -9.75 -17.51
N ALA A 267 6.51 -9.29 -16.65
CA ALA A 267 6.89 -8.81 -15.32
C ALA A 267 6.82 -9.88 -14.24
N TYR A 268 6.47 -11.11 -14.59
CA TYR A 268 6.36 -12.17 -13.59
C TYR A 268 6.79 -13.48 -14.22
N THR A 269 7.02 -14.48 -13.36
CA THR A 269 7.33 -15.82 -13.82
C THR A 269 6.12 -16.72 -13.58
N GLY A 270 6.07 -17.84 -14.30
CA GLY A 270 4.97 -18.76 -14.10
C GLY A 270 3.64 -18.14 -14.45
N SER A 271 2.61 -18.54 -13.71
CA SER A 271 1.25 -18.10 -13.96
CA SER A 271 1.25 -18.08 -13.97
C SER A 271 0.77 -17.21 -12.82
N ILE A 272 -0.27 -16.42 -13.12
CA ILE A 272 -0.95 -15.65 -12.10
C ILE A 272 -2.08 -16.52 -11.56
N THR A 273 -2.13 -16.69 -10.24
CA THR A 273 -3.23 -17.38 -9.59
CA THR A 273 -3.23 -17.39 -9.60
C THR A 273 -4.19 -16.36 -9.02
N TYR A 274 -5.45 -16.45 -9.42
CA TYR A 274 -6.46 -15.52 -8.97
C TYR A 274 -7.24 -16.12 -7.81
N THR A 275 -7.71 -15.24 -6.94
CA THR A 275 -8.40 -15.63 -5.71
C THR A 275 -9.54 -14.66 -5.45
N ALA A 276 -10.57 -15.15 -4.76
CA ALA A 276 -11.77 -14.36 -4.54
C ALA A 276 -11.52 -13.18 -3.61
N VAL A 277 -12.26 -12.10 -3.85
CA VAL A 277 -12.20 -10.89 -3.05
C VAL A 277 -13.57 -10.63 -2.44
N SER A 278 -13.59 -10.26 -1.16
CA SER A 278 -14.76 -9.68 -0.53
C SER A 278 -14.57 -8.17 -0.44
N THR A 279 -15.54 -7.41 -0.93
CA THR A 279 -15.51 -5.96 -0.80
C THR A 279 -16.36 -5.46 0.37
N LYS A 280 -16.78 -6.37 1.26
CA LYS A 280 -17.75 -6.02 2.30
C LYS A 280 -17.21 -4.98 3.28
N GLN A 281 -15.90 -4.96 3.50
CA GLN A 281 -15.27 -3.94 4.33
C GLN A 281 -14.59 -2.85 3.50
N GLY A 282 -14.81 -2.83 2.18
CA GLY A 282 -14.22 -1.82 1.32
C GLY A 282 -12.79 -2.07 0.92
N PHE A 283 -12.22 -3.21 1.30
CA PHE A 283 -10.82 -3.53 1.04
C PHE A 283 -10.73 -4.61 -0.03
N TRP A 284 -9.49 -4.78 -0.52
CA TRP A 284 -9.14 -5.95 -1.33
C TRP A 284 -8.87 -7.09 -0.38
N GLU A 285 -9.96 -7.69 0.12
CA GLU A 285 -9.91 -8.68 1.18
C GLU A 285 -10.02 -10.06 0.57
N TRP A 286 -9.14 -10.97 0.98
CA TRP A 286 -9.03 -12.28 0.38
C TRP A 286 -8.61 -13.28 1.45
N THR A 287 -8.57 -14.56 1.10
CA THR A 287 -8.22 -15.60 2.06
C THR A 287 -7.03 -16.39 1.55
N SER A 288 -5.89 -16.23 2.22
CA SER A 288 -4.73 -17.05 1.95
C SER A 288 -4.99 -18.48 2.43
N THR A 289 -4.40 -19.44 1.73
CA THR A 289 -4.60 -20.85 2.02
C THR A 289 -3.59 -21.42 3.03
N GLY A 290 -2.61 -20.65 3.48
CA GLY A 290 -1.74 -21.12 4.54
C GLY A 290 -0.35 -20.53 4.42
N TYR A 291 0.58 -21.16 5.13
CA TYR A 291 1.91 -20.59 5.22
C TYR A 291 2.95 -21.67 5.51
N ALA A 292 4.21 -21.31 5.24
CA ALA A 292 5.34 -22.09 5.69
C ALA A 292 6.42 -21.14 6.18
N VAL A 293 7.25 -21.63 7.09
CA VAL A 293 8.39 -20.88 7.60
C VAL A 293 9.66 -21.56 7.10
N GLY A 294 10.51 -20.82 6.39
CA GLY A 294 11.71 -21.38 5.83
C GLY A 294 11.40 -22.59 4.99
N SER A 295 12.18 -23.64 5.20
CA SER A 295 12.01 -24.91 4.48
CA SER A 295 12.02 -24.91 4.49
C SER A 295 11.02 -25.84 5.17
N GLY A 296 10.29 -25.34 6.15
CA GLY A 296 9.35 -26.17 6.88
C GLY A 296 8.12 -26.55 6.07
N THR A 297 7.35 -27.46 6.65
CA THR A 297 6.16 -27.95 5.97
CA THR A 297 6.15 -27.96 5.99
C THR A 297 5.09 -26.87 5.90
N PHE A 298 4.36 -26.86 4.79
CA PHE A 298 3.28 -25.91 4.60
C PHE A 298 2.10 -26.26 5.49
N LYS A 299 1.59 -25.28 6.20
CA LYS A 299 0.43 -25.42 7.07
C LYS A 299 -0.78 -24.88 6.32
N SER A 300 -1.74 -25.77 6.03
CA SER A 300 -2.96 -25.36 5.35
C SER A 300 -3.93 -24.79 6.37
N THR A 301 -4.25 -23.52 6.23
CA THR A 301 -5.13 -22.84 7.16
C THR A 301 -5.57 -21.54 6.50
N SER A 302 -6.83 -21.20 6.68
CA SER A 302 -7.38 -20.01 6.03
C SER A 302 -6.98 -18.77 6.79
N ILE A 303 -6.38 -17.81 6.09
CA ILE A 303 -5.98 -16.55 6.71
C ILE A 303 -6.63 -15.42 5.91
N ASP A 304 -7.69 -14.85 6.45
CA ASP A 304 -8.38 -13.74 5.83
C ASP A 304 -7.59 -12.47 6.08
N GLY A 305 -7.33 -11.71 5.02
CA GLY A 305 -6.62 -10.46 5.21
C GLY A 305 -6.78 -9.58 3.99
N ILE A 306 -6.11 -8.43 4.02
CA ILE A 306 -6.24 -7.45 2.95
C ILE A 306 -4.91 -7.26 2.25
N ALA A 307 -4.98 -7.03 0.94
CA ALA A 307 -3.80 -6.65 0.17
C ALA A 307 -3.68 -5.13 0.24
N ASP A 308 -2.67 -4.65 0.98
CA ASP A 308 -2.57 -3.24 1.35
C ASP A 308 -1.18 -2.67 1.03
N THR A 309 -1.06 -2.03 -0.14
CA THR A 309 0.22 -1.43 -0.49
C THR A 309 0.62 -0.27 0.42
N GLY A 310 -0.34 0.31 1.13
CA GLY A 310 -0.07 1.41 2.02
C GLY A 310 0.33 1.03 3.43
N THR A 311 0.47 -0.26 3.72
CA THR A 311 0.98 -0.74 4.99
C THR A 311 2.34 -1.39 4.73
N THR A 312 3.34 -1.04 5.54
CA THR A 312 4.69 -1.50 5.26
C THR A 312 4.87 -2.99 5.53
N LEU A 313 4.37 -3.45 6.68
CA LEU A 313 4.70 -4.78 7.19
C LEU A 313 3.62 -5.81 6.89
N LEU A 314 3.95 -7.05 7.23
CA LEU A 314 3.04 -8.19 7.12
C LEU A 314 2.49 -8.50 8.50
N TYR A 315 1.18 -8.30 8.69
CA TYR A 315 0.52 -8.49 9.98
C TYR A 315 -0.36 -9.73 9.90
N LEU A 316 -0.04 -10.72 10.72
CA LEU A 316 -0.67 -12.04 10.65
C LEU A 316 -1.05 -12.50 12.04
N PRO A 317 -1.85 -13.57 12.15
CA PRO A 317 -2.30 -14.00 13.49
C PRO A 317 -1.12 -14.36 14.39
N ALA A 318 -1.35 -14.16 15.68
CA ALA A 318 -0.28 -14.38 16.65
C ALA A 318 0.34 -15.76 16.57
N THR A 319 -0.48 -16.80 16.30
CA THR A 319 0.08 -18.15 16.21
C THR A 319 1.09 -18.25 15.07
N VAL A 320 0.76 -17.65 13.93
CA VAL A 320 1.61 -17.72 12.75
C VAL A 320 2.90 -16.95 13.00
N VAL A 321 2.78 -15.77 13.58
CA VAL A 321 3.93 -14.92 13.82
C VAL A 321 4.86 -15.55 14.85
N SER A 322 4.29 -16.18 15.89
CA SER A 322 5.10 -16.88 16.87
C SER A 322 5.89 -18.01 16.21
N ALA A 323 5.22 -18.76 15.32
CA ALA A 323 5.91 -19.85 14.63
C ALA A 323 7.06 -19.34 13.76
N TYR A 324 6.89 -18.17 13.12
CA TYR A 324 7.98 -17.61 12.33
C TYR A 324 9.17 -17.24 13.22
N TRP A 325 8.93 -16.42 14.25
CA TRP A 325 10.04 -15.88 15.03
C TRP A 325 10.71 -16.94 15.90
N ALA A 326 10.01 -18.06 16.17
CA ALA A 326 10.64 -19.16 16.89
C ALA A 326 11.79 -19.74 16.10
N GLN A 327 11.87 -19.50 14.79
CA GLN A 327 12.95 -20.01 13.97
C GLN A 327 14.13 -19.04 13.89
N VAL A 328 14.10 -17.95 14.65
CA VAL A 328 15.16 -16.95 14.65
C VAL A 328 15.75 -16.90 16.05
N SER A 329 16.97 -17.38 16.21
CA SER A 329 17.58 -17.45 17.53
CA SER A 329 17.55 -17.46 17.53
C SER A 329 17.71 -16.07 18.13
N GLY A 330 17.18 -15.91 19.35
CA GLY A 330 17.27 -14.65 20.03
C GLY A 330 16.12 -13.69 19.77
N ALA A 331 15.22 -14.01 18.83
CA ALA A 331 14.11 -13.12 18.57
C ALA A 331 13.13 -13.16 19.74
N LYS A 332 12.48 -12.02 20.01
CA LYS A 332 11.55 -11.90 21.12
C LYS A 332 10.53 -10.84 20.78
N SER A 333 9.33 -10.97 21.35
CA SER A 333 8.38 -9.88 21.28
C SER A 333 8.69 -8.90 22.39
N SER A 334 8.92 -7.65 22.02
CA SER A 334 9.30 -6.60 22.94
C SER A 334 8.09 -5.67 23.14
N SER A 335 7.57 -5.63 24.36
CA SER A 335 6.47 -4.72 24.65
CA SER A 335 6.46 -4.71 24.63
C SER A 335 6.91 -3.26 24.53
N SER A 336 8.14 -2.95 24.92
CA SER A 336 8.62 -1.58 24.86
C SER A 336 8.78 -1.11 23.43
N VAL A 337 9.25 -2.00 22.55
CA VAL A 337 9.47 -1.60 21.16
C VAL A 337 8.17 -1.62 20.38
N GLY A 338 7.26 -2.53 20.74
CA GLY A 338 6.01 -2.66 20.05
C GLY A 338 5.94 -3.80 19.05
N GLY A 339 6.75 -4.84 19.20
CA GLY A 339 6.64 -5.97 18.32
C GLY A 339 7.85 -6.86 18.46
N TYR A 340 7.93 -7.83 17.55
CA TYR A 340 9.06 -8.73 17.51
C TYR A 340 10.29 -8.01 17.01
N VAL A 341 11.39 -8.26 17.71
CA VAL A 341 12.72 -7.78 17.39
C VAL A 341 13.66 -8.97 17.38
N PHE A 342 14.80 -8.81 16.74
CA PHE A 342 15.70 -9.94 16.59
C PHE A 342 17.13 -9.43 16.49
N PRO A 343 18.12 -10.26 16.82
CA PRO A 343 19.51 -9.79 16.73
C PRO A 343 19.86 -9.44 15.29
N CYS A 344 20.49 -8.26 15.10
CA CYS A 344 20.79 -7.85 13.74
C CYS A 344 21.74 -8.81 13.03
N SER A 345 22.50 -9.60 13.78
CA SER A 345 23.40 -10.60 13.22
C SER A 345 22.69 -11.85 12.69
N ALA A 346 21.38 -11.99 12.92
CA ALA A 346 20.70 -13.20 12.49
C ALA A 346 20.51 -13.22 10.97
N THR A 347 20.43 -14.44 10.44
CA THR A 347 19.95 -14.65 9.08
CA THR A 347 19.95 -14.68 9.08
C THR A 347 18.50 -15.11 9.18
N LEU A 348 17.61 -14.38 8.57
CA LEU A 348 16.19 -14.67 8.70
C LEU A 348 15.73 -15.74 7.71
N PRO A 349 14.85 -16.64 8.13
CA PRO A 349 14.26 -17.58 7.19
C PRO A 349 13.21 -16.90 6.31
N SER A 350 12.95 -17.52 5.16
CA SER A 350 11.87 -17.04 4.32
C SER A 350 10.52 -17.31 4.98
N PHE A 351 9.49 -16.70 4.40
CA PHE A 351 8.11 -16.93 4.79
C PHE A 351 7.29 -17.13 3.54
N THR A 352 6.56 -18.23 3.45
CA THR A 352 5.75 -18.54 2.28
C THR A 352 4.28 -18.38 2.64
N PHE A 353 3.50 -17.75 1.75
CA PHE A 353 2.06 -17.72 1.92
C PHE A 353 1.37 -18.34 0.71
N GLY A 354 0.21 -18.94 0.95
CA GLY A 354 -0.54 -19.61 -0.10
C GLY A 354 -1.56 -18.71 -0.75
N VAL A 355 -1.67 -18.85 -2.07
CA VAL A 355 -2.72 -18.24 -2.87
C VAL A 355 -3.32 -19.41 -3.65
N GLY A 356 -4.48 -19.89 -3.21
CA GLY A 356 -4.93 -21.16 -3.76
C GLY A 356 -3.87 -22.21 -3.59
N SER A 357 -3.60 -22.97 -4.66
CA SER A 357 -2.54 -23.96 -4.62
CA SER A 357 -2.54 -23.96 -4.61
C SER A 357 -1.16 -23.37 -4.87
N ALA A 358 -1.10 -22.09 -5.22
CA ALA A 358 0.19 -21.46 -5.49
C ALA A 358 0.83 -20.97 -4.20
N ARG A 359 2.12 -20.65 -4.30
CA ARG A 359 2.91 -20.28 -3.14
C ARG A 359 3.74 -19.06 -3.51
N ILE A 360 3.72 -18.05 -2.65
CA ILE A 360 4.57 -16.88 -2.80
C ILE A 360 5.60 -16.91 -1.68
N VAL A 361 6.89 -16.87 -2.05
CA VAL A 361 7.99 -16.97 -1.08
C VAL A 361 8.55 -15.57 -0.83
N ILE A 362 8.48 -15.13 0.42
CA ILE A 362 9.09 -13.87 0.85
C ILE A 362 10.50 -14.22 1.35
N PRO A 363 11.56 -13.77 0.67
CA PRO A 363 12.90 -14.06 1.19
C PRO A 363 13.11 -13.46 2.57
N GLY A 364 13.96 -14.14 3.36
CA GLY A 364 14.19 -13.67 4.72
C GLY A 364 14.65 -12.23 4.79
N ASP A 365 15.49 -11.79 3.84
CA ASP A 365 15.97 -10.42 4.01
CA ASP A 365 16.00 -10.41 3.90
C ASP A 365 14.87 -9.38 3.83
N TYR A 366 13.74 -9.74 3.22
CA TYR A 366 12.63 -8.80 3.12
C TYR A 366 12.01 -8.51 4.47
N ILE A 367 12.30 -9.35 5.47
CA ILE A 367 11.69 -9.27 6.79
C ILE A 367 12.55 -8.46 7.77
N ASP A 368 13.71 -7.97 7.33
CA ASP A 368 14.59 -7.19 8.18
C ASP A 368 14.29 -5.70 8.00
N PHE A 369 13.85 -5.04 9.09
CA PHE A 369 13.61 -3.60 9.09
C PHE A 369 14.64 -2.81 9.86
N GLY A 370 15.78 -3.41 10.12
CA GLY A 370 16.93 -2.68 10.60
C GLY A 370 16.88 -2.34 12.06
N PRO A 371 17.92 -1.65 12.53
CA PRO A 371 18.04 -1.37 13.96
C PRO A 371 16.83 -0.62 14.52
N ILE A 372 16.44 -0.99 15.75
CA ILE A 372 15.27 -0.38 16.37
C ILE A 372 15.49 1.10 16.64
N SER A 373 16.74 1.49 16.85
CA SER A 373 17.16 2.89 17.01
C SER A 373 18.57 2.94 16.47
N THR A 374 19.02 4.13 16.10
CA THR A 374 20.32 4.24 15.47
C THR A 374 21.42 3.66 16.35
N GLY A 375 22.22 2.78 15.76
CA GLY A 375 23.32 2.18 16.47
C GLY A 375 22.97 0.92 17.24
N SER A 376 21.69 0.57 17.36
CA SER A 376 21.34 -0.63 18.11
C SER A 376 21.69 -1.88 17.31
N SER A 377 22.00 -2.96 18.04
CA SER A 377 22.13 -4.28 17.43
C SER A 377 20.88 -5.13 17.52
N SER A 378 19.76 -4.56 17.94
CA SER A 378 18.47 -5.21 17.89
CA SER A 378 18.47 -5.21 17.88
C SER A 378 17.72 -4.64 16.70
N CYS A 379 17.13 -5.52 15.89
CA CYS A 379 16.50 -5.14 14.64
C CYS A 379 15.00 -5.41 14.68
N PHE A 380 14.24 -4.61 13.94
CA PHE A 380 12.80 -4.73 13.95
C PHE A 380 12.33 -5.72 12.89
N GLY A 381 11.41 -6.60 13.28
CA GLY A 381 10.90 -7.58 12.34
C GLY A 381 9.83 -7.06 11.39
N GLY A 382 9.79 -7.66 10.20
CA GLY A 382 8.83 -7.28 9.20
C GLY A 382 7.55 -8.08 9.18
N ILE A 383 7.46 -9.11 10.02
CA ILE A 383 6.27 -9.89 10.26
C ILE A 383 5.88 -9.64 11.71
N GLN A 384 4.65 -9.15 11.93
CA GLN A 384 4.19 -8.77 13.24
C GLN A 384 2.78 -9.27 13.45
N SER A 385 2.39 -9.37 14.72
CA SER A 385 1.06 -9.85 15.05
C SER A 385 -0.02 -8.85 14.68
N SER A 386 -1.12 -9.35 14.15
CA SER A 386 -2.29 -8.54 13.88
C SER A 386 -3.25 -8.48 15.06
N ALA A 387 -2.90 -9.11 16.17
CA ALA A 387 -3.82 -9.14 17.30
C ALA A 387 -4.19 -7.71 17.73
N GLY A 388 -5.47 -7.43 17.86
CA GLY A 388 -5.87 -6.08 18.19
C GLY A 388 -5.84 -5.08 17.07
N ILE A 389 -5.35 -5.44 15.87
CA ILE A 389 -5.73 -4.67 14.68
C ILE A 389 -7.14 -5.02 14.28
N GLY A 390 -7.50 -6.30 14.39
CA GLY A 390 -8.80 -6.78 13.96
C GLY A 390 -8.84 -7.28 12.54
N ILE A 391 -7.73 -7.19 11.82
CA ILE A 391 -7.64 -7.72 10.47
C ILE A 391 -6.19 -8.08 10.19
N ASN A 392 -6.00 -9.10 9.37
CA ASN A 392 -4.67 -9.40 8.89
C ASN A 392 -4.35 -8.55 7.67
N ILE A 393 -3.08 -8.17 7.54
CA ILE A 393 -2.69 -7.21 6.51
C ILE A 393 -1.50 -7.75 5.74
N PHE A 394 -1.73 -8.06 4.47
CA PHE A 394 -0.64 -8.39 3.54
C PHE A 394 -0.12 -7.07 2.99
N GLY A 395 0.78 -6.46 3.77
CA GLY A 395 1.40 -5.21 3.41
C GLY A 395 2.58 -5.42 2.48
N ASP A 396 3.41 -4.37 2.37
CA ASP A 396 4.47 -4.35 1.37
C ASP A 396 5.44 -5.52 1.50
N VAL A 397 5.74 -5.96 2.73
CA VAL A 397 6.64 -7.11 2.93
C VAL A 397 6.17 -8.31 2.11
N ALA A 398 4.86 -8.58 2.12
CA ALA A 398 4.31 -9.67 1.33
C ALA A 398 4.16 -9.29 -0.14
N LEU A 399 3.58 -8.12 -0.41
CA LEU A 399 3.25 -7.81 -1.79
C LEU A 399 4.48 -7.66 -2.66
N LYS A 400 5.58 -7.16 -2.09
CA LYS A 400 6.77 -6.94 -2.91
C LYS A 400 7.43 -8.24 -3.36
N ALA A 401 7.05 -9.38 -2.77
CA ALA A 401 7.50 -10.67 -3.25
C ALA A 401 6.70 -11.18 -4.43
N ALA A 402 5.71 -10.43 -4.89
CA ALA A 402 4.82 -10.91 -5.93
C ALA A 402 4.55 -9.82 -6.95
N PHE A 403 4.05 -10.25 -8.10
CA PHE A 403 3.36 -9.39 -9.05
C PHE A 403 1.87 -9.54 -8.73
N VAL A 404 1.21 -8.41 -8.40
CA VAL A 404 -0.14 -8.47 -7.84
C VAL A 404 -1.11 -7.76 -8.77
N VAL A 405 -2.17 -8.47 -9.14
CA VAL A 405 -3.22 -7.94 -10.00
C VAL A 405 -4.43 -7.59 -9.15
N PHE A 406 -4.83 -6.33 -9.22
CA PHE A 406 -6.06 -5.84 -8.60
C PHE A 406 -7.10 -5.76 -9.71
N ASN A 407 -7.92 -6.81 -9.84
CA ASN A 407 -8.86 -6.91 -10.94
C ASN A 407 -10.20 -6.31 -10.51
N GLY A 408 -10.52 -5.14 -11.07
CA GLY A 408 -11.73 -4.41 -10.75
C GLY A 408 -12.89 -4.64 -11.69
N ALA A 409 -12.97 -5.85 -12.23
CA ALA A 409 -14.15 -6.27 -12.96
C ALA A 409 -15.37 -6.27 -12.05
N THR A 410 -16.53 -6.53 -12.65
CA THR A 410 -17.80 -6.46 -11.92
C THR A 410 -17.74 -7.27 -10.62
N THR A 411 -17.16 -8.45 -10.68
CA THR A 411 -16.82 -9.20 -9.47
C THR A 411 -15.31 -9.11 -9.31
N PRO A 412 -14.80 -8.27 -8.41
CA PRO A 412 -13.35 -8.12 -8.31
C PRO A 412 -12.66 -9.40 -7.85
N THR A 413 -11.41 -9.56 -8.29
CA THR A 413 -10.56 -10.64 -7.82
C THR A 413 -9.15 -10.09 -7.64
N LEU A 414 -8.29 -10.89 -7.01
CA LEU A 414 -6.89 -10.57 -6.82
CA LEU A 414 -6.88 -10.55 -6.84
C LEU A 414 -6.06 -11.66 -7.48
N GLY A 415 -5.00 -11.29 -8.16
CA GLY A 415 -4.08 -12.24 -8.75
C GLY A 415 -2.68 -12.08 -8.16
N PHE A 416 -1.98 -13.20 -7.96
CA PHE A 416 -0.61 -13.19 -7.47
C PHE A 416 0.23 -14.08 -8.35
N ALA A 417 1.40 -13.57 -8.76
CA ALA A 417 2.42 -14.38 -9.43
C ALA A 417 3.75 -14.15 -8.75
N SER A 418 4.60 -15.17 -8.78
CA SER A 418 6.00 -14.99 -8.44
C SER A 418 6.69 -14.15 -9.50
N LYS A 419 7.87 -13.62 -9.16
CA LYS A 419 8.55 -12.77 -10.12
C LYS A 419 10.05 -12.81 -9.96
C1 GOL B . 11.64 -13.20 -4.49
O1 GOL B . 12.53 -14.02 -5.20
C2 GOL B . 10.21 -13.80 -4.62
O2 GOL B . 10.12 -15.12 -4.19
C3 GOL B . 9.80 -13.69 -6.12
O3 GOL B . 8.45 -14.13 -6.25
C10 TUU C . 2.60 8.80 8.36
C15 TUU C . -2.24 4.47 5.17
C03 TUU C . 1.72 6.60 7.06
C04 TUU C . 3.03 7.09 6.75
C05 TUU C . 3.45 8.19 7.41
C06 TUU C . 4.78 8.73 7.12
C07 TUU C . 5.58 8.08 6.17
C08 TUU C . 5.13 6.96 5.51
C09 TUU C . 3.82 6.44 5.78
C12 TUU C . 0.96 7.23 8.00
C14 TUU C . -1.58 5.43 6.17
C16 TUU C . -1.89 3.01 5.56
C18 TUU C . -1.13 2.56 7.77
C19 TUU C . -0.51 3.93 8.04
N11 TUU C . 1.41 8.31 8.63
N13 TUU C . -0.48 4.77 6.84
N17 TUU C . -2.28 2.64 6.90
O01 TUU C . 1.98 3.95 6.32
O20 TUU C . 0.99 5.32 4.73
S02 TUU C . 1.09 5.10 6.17
#